data_5A1M
#
_entry.id   5A1M
#
_cell.length_a   92.510
_cell.length_b   92.510
_cell.length_c   68.910
_cell.angle_alpha   90.00
_cell.angle_beta   90.00
_cell.angle_gamma   90.00
#
_symmetry.space_group_name_H-M   'I 4 2 2'
#
loop_
_entity.id
_entity.type
_entity.pdbx_description
1 polymer ADSEVERIN
2 non-polymer 'CALCIUM ION'
3 water water
#
_entity_poly.entity_id   1
_entity_poly.type   'polypeptide(L)'
_entity_poly.pdbx_seq_one_letter_code
;KMAKLYMVSDASGSMRVTVVAEENPFSMAMLLSEECFILDHGAAKQIFVWKGKDANPQERKAAMKTAEEFLQQMNYSKNT
QIQVLPEGGETPIFKQFFKDWRDK
;
_entity_poly.pdbx_strand_id   A
#
# COMPACT_ATOMS: atom_id res chain seq x y z
N LYS A 1 10.27 5.94 -12.56
CA LYS A 1 10.64 5.23 -11.33
C LYS A 1 9.78 4.01 -11.08
N MET A 2 10.38 2.94 -10.50
CA MET A 2 9.63 1.69 -10.28
C MET A 2 9.11 1.49 -8.85
N ALA A 3 7.79 1.32 -8.76
CA ALA A 3 7.06 1.12 -7.52
C ALA A 3 7.10 -0.34 -7.05
N LYS A 4 6.86 -0.55 -5.75
CA LYS A 4 6.81 -1.88 -5.14
C LYS A 4 5.54 -1.98 -4.28
N LEU A 5 4.91 -3.16 -4.25
CA LEU A 5 3.69 -3.38 -3.50
C LEU A 5 3.93 -4.33 -2.32
N TYR A 6 3.51 -3.88 -1.12
CA TYR A 6 3.67 -4.62 0.12
C TYR A 6 2.32 -4.89 0.76
N MET A 7 2.22 -6.00 1.48
CA MET A 7 1.03 -6.35 2.26
C MET A 7 1.33 -6.15 3.74
N VAL A 8 0.37 -5.59 4.48
CA VAL A 8 0.44 -5.40 5.93
C VAL A 8 -0.71 -6.26 6.45
N SER A 9 -0.36 -7.33 7.20
CA SER A 9 -1.34 -8.29 7.69
C SER A 9 -0.90 -8.97 8.99
N ASP A 10 -1.87 -9.32 9.84
CA ASP A 10 -1.60 -10.08 11.07
C ASP A 10 -2.30 -11.46 11.01
N ALA A 11 -2.74 -11.85 9.81
CA ALA A 11 -3.43 -13.12 9.54
C ALA A 11 -2.57 -14.34 9.91
N SER A 12 -1.24 -14.17 10.00
CA SER A 12 -0.29 -15.23 10.38
C SER A 12 -0.13 -15.40 11.90
N GLY A 13 -0.78 -14.54 12.68
CA GLY A 13 -0.67 -14.57 14.14
C GLY A 13 0.23 -13.50 14.69
N SER A 14 0.91 -12.76 13.79
CA SER A 14 1.75 -11.61 14.12
C SER A 14 1.72 -10.62 12.96
N MET A 15 1.93 -9.33 13.25
CA MET A 15 1.90 -8.29 12.23
C MET A 15 3.13 -8.36 11.33
N ARG A 16 2.91 -8.59 10.03
CA ARG A 16 3.97 -8.72 9.05
C ARG A 16 3.79 -7.77 7.87
N VAL A 17 4.91 -7.25 7.37
CA VAL A 17 5.00 -6.42 6.17
C VAL A 17 5.77 -7.30 5.18
N THR A 18 5.09 -7.75 4.11
CA THR A 18 5.68 -8.66 3.13
C THR A 18 5.57 -8.11 1.72
N VAL A 19 6.51 -8.47 0.85
CA VAL A 19 6.50 -8.02 -0.54
C VAL A 19 5.52 -8.89 -1.33
N VAL A 20 4.60 -8.28 -2.05
CA VAL A 20 3.66 -9.08 -2.86
C VAL A 20 3.93 -8.88 -4.37
N ALA A 21 4.55 -7.76 -4.75
CA ALA A 21 4.92 -7.49 -6.15
C ALA A 21 6.12 -6.57 -6.21
N GLU A 22 7.21 -7.05 -6.82
CA GLU A 22 8.47 -6.32 -6.91
C GLU A 22 8.42 -5.08 -7.76
N GLU A 23 7.65 -5.13 -8.88
CA GLU A 23 7.55 -4.01 -9.81
C GLU A 23 6.16 -3.83 -10.37
N ASN A 24 5.83 -2.57 -10.66
CA ASN A 24 4.60 -2.20 -11.33
C ASN A 24 4.80 -2.42 -12.85
N PRO A 25 3.72 -2.59 -13.66
CA PRO A 25 2.30 -2.56 -13.31
C PRO A 25 1.85 -3.76 -12.48
N PHE A 26 0.95 -3.49 -11.54
CA PHE A 26 0.42 -4.50 -10.65
C PHE A 26 -0.91 -5.01 -11.18
N SER A 27 -1.41 -6.11 -10.61
CA SER A 27 -2.71 -6.68 -10.95
C SER A 27 -3.65 -6.33 -9.81
N MET A 28 -4.90 -5.93 -10.14
CA MET A 28 -5.89 -5.54 -9.15
C MET A 28 -6.14 -6.65 -8.10
N ALA A 29 -6.07 -7.94 -8.53
CA ALA A 29 -6.29 -9.12 -7.68
C ALA A 29 -5.30 -9.22 -6.52
N MET A 30 -4.15 -8.52 -6.62
CA MET A 30 -3.13 -8.49 -5.57
C MET A 30 -3.66 -7.80 -4.30
N LEU A 31 -4.63 -6.87 -4.46
CA LEU A 31 -5.23 -6.17 -3.32
C LEU A 31 -6.32 -7.03 -2.69
N LEU A 32 -6.01 -7.61 -1.53
CA LEU A 32 -6.94 -8.49 -0.80
C LEU A 32 -7.76 -7.67 0.18
N SER A 33 -9.10 -7.79 0.09
CA SER A 33 -10.02 -7.05 0.95
C SER A 33 -9.81 -7.22 2.45
N GLU A 34 -9.25 -8.36 2.88
CA GLU A 34 -9.03 -8.68 4.30
C GLU A 34 -7.75 -8.06 4.88
N GLU A 35 -6.89 -7.43 4.03
CA GLU A 35 -5.60 -6.90 4.47
C GLU A 35 -5.40 -5.44 4.09
N CYS A 36 -4.24 -4.88 4.48
CA CYS A 36 -3.83 -3.54 4.10
C CYS A 36 -2.61 -3.68 3.21
N PHE A 37 -2.36 -2.66 2.38
CA PHE A 37 -1.26 -2.69 1.45
C PHE A 37 -0.55 -1.35 1.41
N ILE A 38 0.75 -1.37 1.11
CA ILE A 38 1.56 -0.17 0.94
C ILE A 38 2.08 -0.21 -0.49
N LEU A 39 1.77 0.82 -1.28
CA LEU A 39 2.31 0.93 -2.63
C LEU A 39 3.40 1.98 -2.50
N ASP A 40 4.66 1.54 -2.58
CA ASP A 40 5.80 2.43 -2.43
C ASP A 40 6.34 2.94 -3.75
N HIS A 41 6.12 4.23 -4.01
CA HIS A 41 6.71 4.93 -5.16
C HIS A 41 7.46 6.16 -4.62
N GLY A 42 8.11 5.96 -3.46
CA GLY A 42 8.86 6.99 -2.73
C GLY A 42 9.94 7.68 -3.54
N ALA A 43 10.56 6.98 -4.50
CA ALA A 43 11.60 7.60 -5.35
C ALA A 43 10.98 8.71 -6.20
N ALA A 44 9.67 8.60 -6.51
CA ALA A 44 8.89 9.59 -7.24
C ALA A 44 8.00 10.41 -6.29
N LYS A 45 8.37 10.44 -4.98
CA LYS A 45 7.75 11.24 -3.93
C LYS A 45 6.31 10.86 -3.57
N GLN A 46 5.96 9.58 -3.68
CA GLN A 46 4.59 9.17 -3.40
C GLN A 46 4.49 7.78 -2.79
N ILE A 47 3.80 7.67 -1.67
CA ILE A 47 3.49 6.41 -0.99
C ILE A 47 1.97 6.36 -0.80
N PHE A 48 1.37 5.18 -0.96
CA PHE A 48 -0.07 5.00 -0.76
C PHE A 48 -0.31 3.93 0.28
N VAL A 49 -1.23 4.20 1.20
CA VAL A 49 -1.69 3.22 2.19
C VAL A 49 -3.07 2.83 1.68
N TRP A 50 -3.28 1.54 1.42
CA TRP A 50 -4.57 1.04 0.96
C TRP A 50 -5.14 0.15 2.06
N LYS A 51 -6.35 0.46 2.52
CA LYS A 51 -6.97 -0.28 3.61
C LYS A 51 -8.17 -1.12 3.14
N GLY A 52 -8.01 -2.43 3.16
CA GLY A 52 -9.05 -3.36 2.78
C GLY A 52 -10.28 -3.18 3.65
N LYS A 53 -11.47 -3.24 3.04
CA LYS A 53 -12.74 -3.06 3.77
C LYS A 53 -12.91 -4.07 4.92
N ASP A 54 -12.25 -5.22 4.82
CA ASP A 54 -12.32 -6.28 5.81
C ASP A 54 -11.04 -6.42 6.65
N ALA A 55 -10.11 -5.45 6.53
CA ALA A 55 -8.91 -5.43 7.36
C ALA A 55 -9.31 -5.03 8.77
N ASN A 56 -8.62 -5.56 9.78
CA ASN A 56 -8.95 -5.30 11.17
C ASN A 56 -8.30 -3.99 11.69
N PRO A 57 -8.72 -3.45 12.86
CA PRO A 57 -8.13 -2.20 13.36
C PRO A 57 -6.62 -2.22 13.55
N GLN A 58 -6.05 -3.36 14.03
CA GLN A 58 -4.61 -3.50 14.25
C GLN A 58 -3.85 -3.34 12.93
N GLU A 59 -4.35 -3.97 11.85
CA GLU A 59 -3.74 -3.89 10.52
C GLU A 59 -3.80 -2.47 9.97
N ARG A 60 -4.96 -1.81 10.14
CA ARG A 60 -5.16 -0.44 9.67
C ARG A 60 -4.18 0.53 10.34
N LYS A 61 -3.99 0.40 11.67
CA LYS A 61 -3.03 1.21 12.43
C LYS A 61 -1.59 0.91 12.00
N ALA A 62 -1.24 -0.40 11.89
CA ALA A 62 0.09 -0.84 11.47
C ALA A 62 0.43 -0.33 10.07
N ALA A 63 -0.54 -0.32 9.13
CA ALA A 63 -0.30 0.17 7.77
C ALA A 63 0.06 1.68 7.77
N MET A 64 -0.66 2.48 8.59
CA MET A 64 -0.41 3.93 8.74
C MET A 64 1.02 4.16 9.29
N LYS A 65 1.38 3.43 10.34
CA LYS A 65 2.72 3.50 10.95
C LYS A 65 3.80 3.07 9.95
N THR A 66 3.56 1.98 9.19
CA THR A 66 4.50 1.44 8.19
C THR A 66 4.86 2.45 7.10
N ALA A 67 3.88 3.22 6.57
CA ALA A 67 4.14 4.24 5.55
C ALA A 67 5.17 5.24 6.05
N GLU A 68 5.04 5.63 7.34
CA GLU A 68 5.97 6.55 7.99
C GLU A 68 7.34 5.89 8.18
N GLU A 69 7.36 4.61 8.58
CA GLU A 69 8.60 3.85 8.75
C GLU A 69 9.39 3.77 7.44
N PHE A 70 8.68 3.65 6.30
CA PHE A 70 9.31 3.59 4.97
C PHE A 70 10.17 4.82 4.69
N LEU A 71 9.72 6.00 5.14
CA LEU A 71 10.49 7.25 4.96
C LEU A 71 11.85 7.13 5.63
N GLN A 72 11.87 6.58 6.85
CA GLN A 72 13.11 6.38 7.61
C GLN A 72 13.96 5.25 7.04
N GLN A 73 13.33 4.10 6.76
CA GLN A 73 13.98 2.90 6.26
C GLN A 73 14.57 3.06 4.88
N MET A 74 13.88 3.76 3.96
CA MET A 74 14.40 3.96 2.60
C MET A 74 15.02 5.35 2.38
N ASN A 75 15.12 6.14 3.44
CA ASN A 75 15.69 7.48 3.43
C ASN A 75 14.94 8.45 2.48
N TYR A 76 13.58 8.35 2.43
CA TYR A 76 12.81 9.28 1.61
C TYR A 76 12.70 10.60 2.37
N SER A 77 12.53 11.71 1.65
CA SER A 77 12.42 13.02 2.29
C SER A 77 11.14 13.16 3.11
N LYS A 78 11.13 14.12 4.05
CA LYS A 78 9.98 14.42 4.89
C LYS A 78 8.79 14.91 4.07
N ASN A 79 9.05 15.45 2.86
CA ASN A 79 8.02 15.97 1.96
C ASN A 79 7.33 14.91 1.12
N THR A 80 7.70 13.62 1.28
CA THR A 80 7.08 12.52 0.55
C THR A 80 5.57 12.55 0.77
N GLN A 81 4.80 12.50 -0.32
CA GLN A 81 3.34 12.51 -0.22
C GLN A 81 2.85 11.12 0.21
N ILE A 82 2.01 11.07 1.23
CA ILE A 82 1.42 9.82 1.66
C ILE A 82 -0.09 9.94 1.49
N GLN A 83 -0.67 9.13 0.59
CA GLN A 83 -2.10 9.08 0.32
C GLN A 83 -2.71 7.92 1.08
N VAL A 84 -3.85 8.16 1.75
CA VAL A 84 -4.52 7.13 2.54
C VAL A 84 -5.82 6.79 1.84
N LEU A 85 -5.94 5.54 1.38
CA LEU A 85 -7.11 5.12 0.61
C LEU A 85 -7.88 3.95 1.20
N PRO A 86 -9.16 4.16 1.54
CA PRO A 86 -9.99 3.02 1.92
C PRO A 86 -10.33 2.25 0.64
N GLU A 87 -10.51 0.93 0.72
CA GLU A 87 -10.93 0.13 -0.43
C GLU A 87 -12.23 0.76 -0.98
N GLY A 88 -12.27 1.00 -2.29
CA GLY A 88 -13.43 1.64 -2.92
C GLY A 88 -13.30 3.15 -3.10
N GLY A 89 -12.37 3.76 -2.37
CA GLY A 89 -12.11 5.20 -2.43
C GLY A 89 -10.79 5.54 -3.11
N GLU A 90 -10.33 4.66 -4.02
CA GLU A 90 -9.04 4.83 -4.69
C GLU A 90 -9.08 5.98 -5.68
N THR A 91 -7.94 6.67 -5.78
CA THR A 91 -7.75 7.81 -6.67
C THR A 91 -7.24 7.36 -8.05
N PRO A 92 -7.46 8.18 -9.12
CA PRO A 92 -6.93 7.83 -10.46
C PRO A 92 -5.42 7.55 -10.45
N ILE A 93 -4.62 8.35 -9.69
CA ILE A 93 -3.17 8.17 -9.59
C ILE A 93 -2.80 6.78 -9.01
N PHE A 94 -3.57 6.28 -8.02
CA PHE A 94 -3.33 4.96 -7.44
C PHE A 94 -3.67 3.87 -8.47
N LYS A 95 -4.83 4.01 -9.14
CA LYS A 95 -5.30 3.07 -10.17
C LYS A 95 -4.33 2.93 -11.34
N GLN A 96 -3.60 4.03 -11.66
CA GLN A 96 -2.60 4.15 -12.72
C GLN A 96 -1.46 3.11 -12.61
N PHE A 97 -1.20 2.59 -11.40
CA PHE A 97 -0.17 1.56 -11.16
C PHE A 97 -0.62 0.15 -11.51
N PHE A 98 -1.91 -0.01 -11.85
CA PHE A 98 -2.51 -1.30 -12.15
C PHE A 98 -2.85 -1.43 -13.61
N LYS A 99 -2.50 -2.59 -14.19
CA LYS A 99 -2.75 -2.90 -15.61
C LYS A 99 -4.22 -3.25 -15.91
N ASP A 100 -4.99 -3.62 -14.86
CA ASP A 100 -6.36 -4.10 -15.04
C ASP A 100 -7.34 -3.64 -13.96
N TRP A 101 -7.31 -2.34 -13.60
CA TRP A 101 -8.24 -1.84 -12.59
C TRP A 101 -9.65 -1.88 -13.13
N ARG A 102 -10.53 -2.51 -12.36
CA ARG A 102 -11.92 -2.65 -12.72
C ARG A 102 -12.75 -2.17 -11.53
N ASP A 103 -13.40 -1.00 -11.66
CA ASP A 103 -14.23 -0.40 -10.60
C ASP A 103 -15.41 -1.28 -10.25
N LYS A 104 -15.72 -1.39 -8.93
CA LYS A 104 -16.88 -2.12 -8.43
C LYS A 104 -17.97 -1.12 -8.07
#